data_7NY3
#
_entry.id   7NY3
#
_cell.length_a   34.870
_cell.length_b   80.920
_cell.length_c   80.930
_cell.angle_alpha   90.000
_cell.angle_beta   90.000
_cell.angle_gamma   90.000
#
_symmetry.space_group_name_H-M   'P 21 21 21'
#
loop_
_entity.id
_entity.type
_entity.pdbx_description
1 polymer 'Alginate lyase (PL7)'
2 branched 'beta-D-mannopyranuronic acid-(1-4)-beta-D-mannopyranuronic acid-(1-4)-beta-D-mannopyranuronic acid-(1-4)-beta-D-mannopyranuronic acid-(1-4)-beta-D-mannopyranuronic acid-(1-4)-beta-D-mannopyranuronic acid'
3 non-polymer 2-[BIS-(2-HYDROXY-ETHYL)-AMINO]-2-HYDROXYMETHYL-PROPANE-1,3-DIOL
4 water water
#
_entity_poly.entity_id   1
_entity_poly.type   'polypeptide(L)'
_entity_poly.pdbx_seq_one_letter_code
;EFYTAPSTESKFTEVLSKAKLQYPTSTTVAFADDLLDGYAASYFYLTSDLYMQFQVAGSSQRSELREMETSGDEAAWDCT
GSTAHVASAQIAIPVQEDGIEEVTILQVHDSDVTPVLRISWVSSITIDGVTSEDVVLATIRNGIDDSTATKTVLQAHTTS
RTEFNINVQNSKLSITVDGTTELDEADISQFDGSTCYFKAGAFNNNPTDTSANARIKMYELEWVDHHHHHH
;
_entity_poly.pdbx_strand_id   A
#
# COMPACT_ATOMS: atom_id res chain seq x y z
N PHE A 2 13.36 -20.21 -9.80
CA PHE A 2 13.18 -19.91 -11.22
C PHE A 2 12.44 -18.60 -11.46
N TYR A 3 12.40 -17.75 -10.42
CA TYR A 3 11.71 -16.46 -10.49
C TYR A 3 12.67 -15.33 -10.85
N THR A 4 12.22 -14.44 -11.73
CA THR A 4 12.97 -13.24 -12.06
C THR A 4 12.82 -12.14 -10.99
N ALA A 5 13.91 -11.47 -10.72
CA ALA A 5 13.91 -10.46 -9.64
C ALA A 5 13.38 -9.11 -10.14
N PRO A 6 12.53 -8.45 -9.37
CA PRO A 6 12.16 -7.07 -9.71
C PRO A 6 13.34 -6.16 -9.87
N SER A 7 14.44 -6.43 -9.18
CA SER A 7 15.63 -5.59 -9.29
C SER A 7 16.22 -5.60 -10.70
N THR A 8 15.82 -6.56 -11.56
CA THR A 8 16.35 -6.51 -12.92
C THR A 8 15.77 -5.36 -13.74
N GLU A 9 14.72 -4.70 -13.28
CA GLU A 9 14.15 -3.53 -13.95
C GLU A 9 14.57 -2.26 -13.24
N SER A 10 15.24 -1.37 -13.98
CA SER A 10 15.77 -0.14 -13.39
C SER A 10 14.66 0.76 -12.86
N LYS A 11 13.43 0.62 -13.36
CA LYS A 11 12.33 1.42 -12.84
C LYS A 11 12.04 1.12 -11.36
N PHE A 12 12.55 0.01 -10.83
CA PHE A 12 12.32 -0.34 -9.45
C PHE A 12 13.56 -0.12 -8.58
N THR A 13 14.72 0.19 -9.18
CA THR A 13 15.93 0.30 -8.37
C THR A 13 15.75 1.27 -7.21
N GLU A 14 15.21 2.46 -7.49
CA GLU A 14 15.17 3.49 -6.44
C GLU A 14 14.25 3.08 -5.29
N VAL A 15 13.05 2.57 -5.60
CA VAL A 15 12.16 2.24 -4.48
C VAL A 15 12.69 1.03 -3.72
N LEU A 16 13.28 0.06 -4.42
CA LEU A 16 13.87 -1.08 -3.71
C LEU A 16 15.01 -0.62 -2.80
N SER A 17 15.79 0.38 -3.24
CA SER A 17 16.83 0.94 -2.38
C SER A 17 16.23 1.64 -1.16
N LYS A 18 14.99 2.06 -1.25
CA LYS A 18 14.28 2.73 -0.19
C LYS A 18 13.20 1.83 0.42
N ALA A 19 13.49 0.54 0.58
CA ALA A 19 12.47 -0.39 1.03
C ALA A 19 13.10 -1.60 1.71
N LYS A 20 12.28 -2.26 2.51
CA LYS A 20 12.53 -3.63 2.91
C LYS A 20 11.23 -4.41 2.70
N LEU A 21 11.37 -5.71 2.49
CA LEU A 21 10.26 -6.58 2.13
C LEU A 21 9.90 -7.40 3.36
N GLN A 22 8.64 -7.33 3.77
CA GLN A 22 8.12 -8.07 4.91
C GLN A 22 7.24 -9.19 4.37
N TYR A 23 7.48 -10.42 4.85
CA TYR A 23 6.68 -11.57 4.45
C TYR A 23 6.92 -12.70 5.45
N PRO A 24 5.89 -13.47 5.84
CA PRO A 24 4.46 -13.31 5.57
C PRO A 24 3.80 -12.47 6.65
N THR A 25 4.59 -12.14 7.67
CA THR A 25 4.11 -11.24 8.71
C THR A 25 4.99 -9.99 8.70
N SER A 26 5.02 -9.26 9.81
CA SER A 26 5.82 -8.04 9.92
C SER A 26 7.32 -8.31 10.15
N THR A 27 7.81 -9.49 9.83
CA THR A 27 9.24 -9.77 9.87
C THR A 27 9.88 -9.46 8.53
N THR A 28 11.06 -8.83 8.55
CA THR A 28 11.76 -8.53 7.31
C THR A 28 12.37 -9.79 6.72
N VAL A 29 12.04 -10.10 5.46
CA VAL A 29 12.70 -11.22 4.78
C VAL A 29 13.82 -10.72 3.89
N ALA A 30 13.73 -9.49 3.39
CA ALA A 30 14.73 -8.96 2.46
C ALA A 30 14.88 -7.47 2.70
N PHE A 31 16.11 -7.06 3.03
CA PHE A 31 16.47 -5.65 3.14
C PHE A 31 16.78 -5.08 1.75
N ALA A 32 17.02 -3.76 1.71
CA ALA A 32 17.29 -3.08 0.46
C ALA A 32 18.42 -3.78 -0.29
N ASP A 33 19.52 -4.10 0.41
CA ASP A 33 20.64 -4.65 -0.33
C ASP A 33 20.33 -6.04 -0.84
N ASP A 34 19.54 -6.83 -0.10
CA ASP A 34 19.07 -8.13 -0.60
C ASP A 34 18.18 -7.94 -1.83
N LEU A 35 17.26 -6.98 -1.76
CA LEU A 35 16.35 -6.72 -2.87
C LEU A 35 17.14 -6.33 -4.13
N LEU A 36 18.12 -5.47 -3.98
CA LEU A 36 18.90 -5.03 -5.13
C LEU A 36 19.82 -6.11 -5.67
N ASP A 37 20.13 -7.12 -4.87
CA ASP A 37 20.93 -8.27 -5.30
C ASP A 37 20.10 -9.37 -5.94
N GLY A 38 18.88 -9.07 -6.35
CA GLY A 38 18.10 -10.04 -7.10
C GLY A 38 17.18 -10.91 -6.27
N TYR A 39 16.74 -10.44 -5.11
CA TYR A 39 15.78 -11.20 -4.32
C TYR A 39 14.53 -11.49 -5.14
N ALA A 40 14.09 -12.74 -5.10
CA ALA A 40 12.91 -13.18 -5.85
C ALA A 40 12.35 -14.44 -5.22
N ALA A 41 11.04 -14.57 -5.22
CA ALA A 41 10.39 -15.69 -4.57
C ALA A 41 8.98 -15.77 -5.11
N SER A 42 8.22 -16.80 -4.71
CA SER A 42 6.87 -16.91 -5.26
C SER A 42 6.02 -15.74 -4.79
N TYR A 43 6.30 -15.22 -3.61
CA TYR A 43 5.54 -14.11 -3.06
C TYR A 43 6.04 -12.77 -3.55
N PHE A 44 7.12 -12.71 -4.35
CA PHE A 44 7.69 -11.42 -4.80
C PHE A 44 8.56 -11.66 -6.03
N TYR A 45 8.00 -11.44 -7.22
CA TYR A 45 8.79 -11.62 -8.42
C TYR A 45 8.30 -10.69 -9.54
N LEU A 46 9.09 -10.67 -10.61
CA LEU A 46 8.83 -9.90 -11.81
C LEU A 46 8.14 -10.78 -12.85
N THR A 47 7.01 -10.32 -13.34
CA THR A 47 6.29 -11.05 -14.37
C THR A 47 6.92 -10.80 -15.73
N SER A 48 6.50 -11.60 -16.70
CA SER A 48 7.13 -11.52 -18.01
C SER A 48 6.83 -10.20 -18.70
N ASP A 49 5.72 -9.52 -18.34
CA ASP A 49 5.40 -8.20 -18.86
C ASP A 49 5.74 -7.10 -17.86
N LEU A 50 6.66 -7.40 -16.92
CA LEU A 50 7.41 -6.39 -16.16
C LEU A 50 6.61 -5.77 -15.04
N TYR A 51 5.70 -6.52 -14.44
CA TYR A 51 5.06 -6.14 -13.18
C TYR A 51 5.79 -6.75 -12.01
N MET A 52 5.94 -5.96 -10.94
CA MET A 52 6.34 -6.45 -9.63
C MET A 52 5.12 -7.05 -8.92
N GLN A 53 5.09 -8.37 -8.76
CA GLN A 53 3.90 -9.06 -8.25
C GLN A 53 4.09 -9.55 -6.83
N PHE A 54 3.15 -9.19 -5.96
CA PHE A 54 3.06 -9.64 -4.57
C PHE A 54 1.95 -10.67 -4.44
N GLN A 55 2.22 -11.75 -3.69
CA GLN A 55 1.25 -12.82 -3.55
C GLN A 55 1.40 -13.43 -2.16
N VAL A 56 0.28 -13.68 -1.48
CA VAL A 56 0.31 -14.21 -0.12
C VAL A 56 -1.05 -14.83 0.20
N ALA A 57 -1.02 -15.85 1.04
CA ALA A 57 -2.21 -16.50 1.59
C ALA A 57 -2.23 -16.39 3.11
N GLY A 58 -3.42 -16.48 3.67
CA GLY A 58 -3.57 -16.52 5.12
C GLY A 58 -4.10 -15.21 5.70
N SER A 59 -4.81 -15.32 6.82
CA SER A 59 -5.47 -14.17 7.44
C SER A 59 -4.43 -13.19 7.97
N SER A 60 -4.49 -11.94 7.48
CA SER A 60 -3.65 -10.84 7.92
C SER A 60 -2.18 -11.06 7.59
N GLN A 61 -1.91 -11.94 6.63
CA GLN A 61 -0.57 -12.14 6.13
C GLN A 61 -0.29 -11.14 5.00
N ARG A 62 0.99 -10.96 4.71
CA ARG A 62 1.39 -9.87 3.83
C ARG A 62 2.64 -10.25 3.03
N SER A 63 2.73 -9.65 1.85
CA SER A 63 3.98 -9.49 1.12
C SER A 63 3.97 -8.01 0.76
N GLU A 64 4.85 -7.25 1.38
CA GLU A 64 4.71 -5.80 1.40
C GLU A 64 6.07 -5.15 1.51
N LEU A 65 6.30 -4.13 0.69
CA LEU A 65 7.45 -3.25 0.88
C LEU A 65 7.11 -2.20 1.92
N ARG A 66 8.12 -1.83 2.69
CA ARG A 66 8.04 -0.94 3.83
C ARG A 66 9.06 0.15 3.57
N GLU A 67 8.61 1.41 3.55
CA GLU A 67 9.48 2.53 3.19
C GLU A 67 10.68 2.66 4.14
N MET A 68 11.87 2.81 3.54
CA MET A 68 13.11 2.99 4.27
C MET A 68 13.87 4.18 3.71
N GLU A 69 14.82 4.69 4.49
CA GLU A 69 15.77 5.67 4.00
C GLU A 69 16.95 4.93 3.38
N THR A 70 17.64 5.61 2.44
CA THR A 70 18.85 5.02 1.86
C THR A 70 19.93 4.79 2.90
N SER A 71 19.91 5.55 4.00
CA SER A 71 20.81 5.32 5.12
C SER A 71 20.64 3.96 5.79
N GLY A 72 19.52 3.28 5.54
CA GLY A 72 19.11 2.13 6.32
C GLY A 72 18.25 2.44 7.54
N ASP A 73 18.06 3.72 7.87
CA ASP A 73 17.07 4.07 8.88
C ASP A 73 15.70 3.70 8.36
N GLU A 74 14.81 3.23 9.24
CA GLU A 74 13.41 3.18 8.85
C GLU A 74 12.89 4.58 8.56
N ALA A 75 12.06 4.71 7.55
CA ALA A 75 11.34 5.96 7.37
C ALA A 75 10.49 6.26 8.58
N ALA A 76 10.53 7.51 9.02
CA ALA A 76 9.76 7.93 10.18
C ALA A 76 9.56 9.43 10.09
N TRP A 77 8.84 9.88 9.06
CA TRP A 77 8.62 11.29 8.85
C TRP A 77 7.42 11.77 9.67
N ASP A 78 7.47 13.05 10.06
CA ASP A 78 6.39 13.66 10.85
C ASP A 78 5.08 13.51 10.07
N CYS A 79 4.10 12.78 10.63
CA CYS A 79 2.90 12.46 9.85
C CYS A 79 2.19 13.71 9.35
N THR A 80 2.29 14.82 10.09
CA THR A 80 1.57 16.05 9.78
C THR A 80 2.52 17.22 9.52
N GLY A 81 3.79 16.94 9.26
CA GLY A 81 4.77 18.00 9.05
C GLY A 81 4.60 18.73 7.71
N SER A 82 5.40 19.78 7.56
CA SER A 82 5.28 20.66 6.40
C SER A 82 5.89 20.05 5.12
N THR A 83 6.84 19.13 5.26
CA THR A 83 7.35 18.40 4.09
C THR A 83 6.26 17.54 3.47
N ALA A 84 6.12 17.62 2.14
CA ALA A 84 5.19 16.73 1.45
C ALA A 84 5.81 15.35 1.32
N HIS A 85 4.98 14.33 1.54
CA HIS A 85 5.37 12.96 1.27
C HIS A 85 4.40 12.38 0.27
N VAL A 86 4.94 11.75 -0.77
CA VAL A 86 4.16 11.34 -1.94
C VAL A 86 4.51 9.91 -2.28
N ALA A 87 3.49 9.07 -2.43
CA ALA A 87 3.67 7.71 -2.94
C ALA A 87 2.83 7.59 -4.20
N SER A 88 3.46 7.12 -5.27
CA SER A 88 2.81 6.92 -6.57
C SER A 88 3.01 5.49 -7.01
N ALA A 89 1.96 4.88 -7.55
CA ALA A 89 2.04 3.52 -8.02
C ALA A 89 1.09 3.32 -9.17
N GLN A 90 1.50 2.52 -10.14
CA GLN A 90 0.63 1.99 -11.19
C GLN A 90 0.35 0.54 -10.83
N ILE A 91 -0.90 0.26 -10.50
CA ILE A 91 -1.29 -1.02 -9.92
C ILE A 91 -2.35 -1.68 -10.79
N ALA A 92 -2.13 -2.95 -11.13
CA ALA A 92 -3.14 -3.79 -11.74
C ALA A 92 -3.62 -4.76 -10.68
N ILE A 93 -4.91 -4.69 -10.36
CA ILE A 93 -5.54 -5.56 -9.38
C ILE A 93 -6.26 -6.66 -10.14
N PRO A 94 -5.72 -7.88 -10.20
CA PRO A 94 -6.44 -8.94 -10.90
C PRO A 94 -7.71 -9.29 -10.15
N VAL A 95 -8.59 -10.04 -10.83
CA VAL A 95 -9.71 -10.64 -10.12
C VAL A 95 -9.14 -11.57 -9.07
N GLN A 96 -9.59 -11.40 -7.83
CA GLN A 96 -8.99 -12.13 -6.72
C GLN A 96 -9.58 -13.53 -6.62
N GLU A 97 -8.75 -14.46 -6.12
CA GLU A 97 -9.19 -15.85 -5.94
C GLU A 97 -10.39 -15.90 -5.00
N ASP A 98 -11.16 -16.98 -5.10
CA ASP A 98 -12.33 -17.13 -4.25
C ASP A 98 -11.87 -17.30 -2.81
N GLY A 99 -12.58 -16.63 -1.90
CA GLY A 99 -12.20 -16.61 -0.51
C GLY A 99 -11.37 -15.41 -0.11
N ILE A 100 -10.91 -14.62 -1.07
CA ILE A 100 -10.23 -13.35 -0.83
C ILE A 100 -11.26 -12.25 -0.80
N GLU A 101 -11.36 -11.57 0.34
CA GLU A 101 -12.41 -10.57 0.59
C GLU A 101 -11.91 -9.13 0.61
N GLU A 102 -10.63 -8.92 0.88
CA GLU A 102 -10.08 -7.55 0.95
C GLU A 102 -8.58 -7.64 0.92
N VAL A 103 -7.95 -6.79 0.11
CA VAL A 103 -6.51 -6.78 -0.02
C VAL A 103 -6.04 -5.34 0.06
N THR A 104 -5.23 -5.03 1.06
CA THR A 104 -4.64 -3.71 1.17
C THR A 104 -3.43 -3.62 0.24
N ILE A 105 -3.41 -2.58 -0.60
CA ILE A 105 -2.37 -2.45 -1.61
C ILE A 105 -1.42 -1.29 -1.33
N LEU A 106 -1.84 -0.26 -0.60
CA LEU A 106 -0.98 0.86 -0.23
C LEU A 106 -1.37 1.32 1.15
N GLN A 107 -0.37 1.78 1.91
CA GLN A 107 -0.65 2.26 3.25
C GLN A 107 0.20 3.46 3.57
N VAL A 108 -0.35 4.33 4.43
CA VAL A 108 0.41 5.22 5.30
C VAL A 108 0.23 4.68 6.70
N HIS A 109 1.33 4.32 7.35
CA HIS A 109 1.26 3.68 8.66
C HIS A 109 2.09 4.50 9.64
N ASP A 110 1.63 4.59 10.90
CA ASP A 110 2.42 5.28 11.91
C ASP A 110 3.51 4.33 12.42
N SER A 111 4.38 4.85 13.26
CA SER A 111 5.52 4.07 13.68
C SER A 111 5.21 3.18 14.86
N ASP A 112 3.94 2.98 15.16
CA ASP A 112 3.58 2.00 16.19
C ASP A 112 2.59 1.00 15.61
N VAL A 113 1.31 1.02 16.00
CA VAL A 113 0.43 -0.06 15.57
C VAL A 113 -0.82 0.44 14.85
N THR A 114 -0.78 1.64 14.28
CA THR A 114 -1.98 2.20 13.67
C THR A 114 -1.75 2.57 12.21
N PRO A 115 -2.54 2.02 11.28
CA PRO A 115 -2.50 2.52 9.90
C PRO A 115 -3.28 3.82 9.79
N VAL A 116 -2.60 4.86 9.34
CA VAL A 116 -3.26 6.14 9.03
C VAL A 116 -4.24 5.95 7.88
N LEU A 117 -3.76 5.38 6.78
CA LEU A 117 -4.54 5.15 5.58
C LEU A 117 -4.28 3.75 5.06
N ARG A 118 -5.34 3.06 4.66
CA ARG A 118 -5.23 1.87 3.83
C ARG A 118 -6.00 2.13 2.57
N ILE A 119 -5.39 1.85 1.42
CA ILE A 119 -6.12 1.69 0.17
C ILE A 119 -6.24 0.20 -0.07
N SER A 120 -7.46 -0.27 -0.31
CA SER A 120 -7.68 -1.69 -0.39
C SER A 120 -8.76 -2.02 -1.40
N TRP A 121 -8.63 -3.19 -2.02
CA TRP A 121 -9.74 -3.77 -2.78
C TRP A 121 -10.66 -4.46 -1.80
N VAL A 122 -11.98 -4.29 -1.95
CA VAL A 122 -12.96 -5.02 -1.14
C VAL A 122 -14.01 -5.66 -2.03
N SER A 123 -14.36 -6.90 -1.69
N SER A 123 -14.35 -6.91 -1.70
CA SER A 123 -15.50 -7.56 -2.33
CA SER A 123 -15.49 -7.57 -2.32
C SER A 123 -16.78 -6.78 -2.10
C SER A 123 -16.78 -6.78 -2.07
N SER A 124 -16.99 -6.30 -0.88
N SER A 124 -16.96 -6.30 -0.85
CA SER A 124 -18.13 -5.43 -0.60
CA SER A 124 -18.13 -5.48 -0.52
C SER A 124 -17.81 -4.56 0.60
C SER A 124 -17.77 -4.53 0.61
N ILE A 125 -18.51 -3.42 0.67
CA ILE A 125 -18.42 -2.50 1.79
C ILE A 125 -19.76 -1.77 1.88
N THR A 126 -20.19 -1.46 3.10
CA THR A 126 -21.39 -0.68 3.32
C THR A 126 -21.05 0.57 4.12
N ILE A 127 -21.35 1.74 3.54
CA ILE A 127 -20.94 3.04 4.08
C ILE A 127 -22.19 3.91 4.14
N ASP A 128 -22.54 4.37 5.34
CA ASP A 128 -23.72 5.22 5.54
C ASP A 128 -24.91 4.67 4.76
N GLY A 129 -25.17 3.38 4.92
CA GLY A 129 -26.31 2.74 4.30
C GLY A 129 -26.15 2.36 2.83
N VAL A 130 -25.04 2.67 2.17
CA VAL A 130 -24.85 2.37 0.75
C VAL A 130 -23.86 1.22 0.61
N THR A 131 -24.29 0.16 -0.06
CA THR A 131 -23.43 -0.98 -0.34
C THR A 131 -22.79 -0.84 -1.71
N SER A 132 -21.47 -1.00 -1.75
CA SER A 132 -20.70 -1.02 -2.98
C SER A 132 -19.99 -2.36 -3.04
N GLU A 133 -19.95 -2.93 -4.23
CA GLU A 133 -19.31 -4.22 -4.40
C GLU A 133 -18.19 -4.09 -5.42
N ASP A 134 -17.12 -4.85 -5.18
CA ASP A 134 -15.99 -4.90 -6.09
C ASP A 134 -15.46 -3.50 -6.38
N VAL A 135 -14.98 -2.85 -5.31
CA VAL A 135 -14.48 -1.48 -5.40
C VAL A 135 -13.12 -1.38 -4.72
N VAL A 136 -12.45 -0.26 -4.96
CA VAL A 136 -11.26 0.14 -4.23
C VAL A 136 -11.64 1.24 -3.25
N LEU A 137 -11.11 1.12 -2.05
CA LEU A 137 -11.56 1.83 -0.86
C LEU A 137 -10.40 2.53 -0.20
N ALA A 138 -10.64 3.73 0.34
CA ALA A 138 -9.73 4.39 1.27
C ALA A 138 -10.30 4.31 2.68
N THR A 139 -9.46 3.90 3.63
CA THR A 139 -9.86 3.77 5.03
C THR A 139 -8.89 4.60 5.87
N ILE A 140 -9.40 5.66 6.53
CA ILE A 140 -8.60 6.53 7.38
C ILE A 140 -9.07 6.35 8.82
N ARG A 141 -8.15 5.91 9.67
CA ARG A 141 -8.47 5.65 11.07
C ARG A 141 -8.70 6.95 11.82
N ASN A 142 -9.73 6.97 12.66
CA ASN A 142 -10.13 8.22 13.28
C ASN A 142 -9.23 8.62 14.42
N GLY A 143 -8.39 7.71 14.88
CA GLY A 143 -7.38 8.01 15.88
C GLY A 143 -6.74 6.73 16.37
N ILE A 144 -5.64 6.93 17.10
CA ILE A 144 -4.93 5.80 17.67
C ILE A 144 -5.83 5.03 18.64
N ASP A 145 -6.64 5.75 19.42
CA ASP A 145 -7.45 5.15 20.48
C ASP A 145 -8.90 4.97 20.04
N ASP A 146 -9.19 5.16 18.77
CA ASP A 146 -10.50 4.93 18.20
C ASP A 146 -10.33 3.91 17.07
N SER A 147 -10.92 2.73 17.25
CA SER A 147 -10.78 1.69 16.25
C SER A 147 -11.60 1.98 15.00
N THR A 148 -12.49 2.97 15.05
CA THR A 148 -13.33 3.29 13.90
C THR A 148 -12.55 4.08 12.85
N ALA A 149 -13.11 4.11 11.64
CA ALA A 149 -12.43 4.74 10.53
C ALA A 149 -13.44 5.43 9.64
N THR A 150 -12.94 6.37 8.84
CA THR A 150 -13.71 6.99 7.78
C THR A 150 -13.34 6.28 6.47
N LYS A 151 -14.38 5.84 5.75
CA LYS A 151 -14.22 5.03 4.57
C LYS A 151 -14.78 5.76 3.36
N THR A 152 -14.05 5.70 2.24
CA THR A 152 -14.39 6.43 1.03
C THR A 152 -14.13 5.52 -0.16
N VAL A 153 -15.17 5.23 -0.96
CA VAL A 153 -14.97 4.51 -2.20
C VAL A 153 -14.22 5.39 -3.18
N LEU A 154 -13.11 4.88 -3.73
CA LEU A 154 -12.27 5.61 -4.67
C LEU A 154 -12.55 5.27 -6.14
N GLN A 155 -12.88 4.02 -6.43
CA GLN A 155 -12.89 3.51 -7.79
C GLN A 155 -13.65 2.20 -7.84
N ALA A 156 -14.38 1.98 -8.94
CA ALA A 156 -14.85 0.64 -9.25
C ALA A 156 -13.65 -0.22 -9.67
N HIS A 157 -13.55 -1.43 -9.14
CA HIS A 157 -12.46 -2.32 -9.53
C HIS A 157 -12.43 -2.56 -11.04
N THR A 158 -11.26 -2.41 -11.61
CA THR A 158 -10.93 -2.83 -12.96
C THR A 158 -9.64 -3.62 -12.90
N THR A 159 -9.45 -4.51 -13.86
CA THR A 159 -8.15 -5.16 -13.95
C THR A 159 -7.10 -4.28 -14.63
N SER A 160 -7.53 -3.18 -15.24
CA SER A 160 -6.57 -2.35 -15.97
C SER A 160 -5.61 -1.69 -15.00
N ARG A 161 -4.40 -1.42 -15.50
CA ARG A 161 -3.39 -0.70 -14.72
C ARG A 161 -3.89 0.70 -14.38
N THR A 162 -3.86 1.03 -13.10
CA THR A 162 -4.46 2.25 -12.57
C THR A 162 -3.41 3.03 -11.76
N GLU A 163 -3.32 4.32 -11.99
CA GLU A 163 -2.40 5.19 -11.24
C GLU A 163 -3.03 5.64 -9.93
N PHE A 164 -2.36 5.35 -8.80
CA PHE A 164 -2.74 5.84 -7.48
C PHE A 164 -1.66 6.78 -6.97
N ASN A 165 -2.07 7.93 -6.43
CA ASN A 165 -1.15 8.90 -5.82
C ASN A 165 -1.67 9.25 -4.44
N ILE A 166 -0.80 9.14 -3.42
CA ILE A 166 -1.11 9.55 -2.06
C ILE A 166 -0.21 10.73 -1.76
N ASN A 167 -0.79 11.87 -1.41
CA ASN A 167 -0.04 13.09 -1.09
C ASN A 167 -0.35 13.50 0.34
N VAL A 168 0.67 13.54 1.20
CA VAL A 168 0.52 13.82 2.62
C VAL A 168 1.33 15.08 2.93
N GLN A 169 0.67 16.11 3.42
CA GLN A 169 1.35 17.37 3.71
C GLN A 169 0.51 18.20 4.67
N ASN A 170 1.15 18.77 5.69
N ASN A 170 1.19 18.84 5.60
CA ASN A 170 0.49 19.72 6.59
CA ASN A 170 0.55 19.42 6.78
C ASN A 170 -0.87 19.24 7.12
C ASN A 170 -0.38 18.33 7.31
N SER A 171 -0.88 18.02 7.67
N SER A 171 -1.47 18.70 7.96
CA SER A 171 -2.02 17.46 8.40
CA SER A 171 -2.35 17.69 8.52
C SER A 171 -3.23 17.15 7.52
C SER A 171 -3.36 17.16 7.51
N LYS A 172 -3.02 17.12 6.21
CA LYS A 172 -4.02 16.76 5.20
C LYS A 172 -3.48 15.65 4.31
N LEU A 173 -4.38 14.78 3.83
CA LEU A 173 -4.03 13.67 2.95
C LEU A 173 -4.99 13.67 1.76
N SER A 174 -4.44 13.59 0.54
CA SER A 174 -5.21 13.54 -0.69
C SER A 174 -4.84 12.28 -1.47
N ILE A 175 -5.83 11.70 -2.17
CA ILE A 175 -5.64 10.56 -3.06
C ILE A 175 -6.18 10.92 -4.44
N THR A 176 -5.36 10.67 -5.47
CA THR A 176 -5.80 10.80 -6.84
C THR A 176 -5.74 9.42 -7.49
N VAL A 177 -6.74 9.15 -8.33
CA VAL A 177 -6.85 7.90 -9.05
C VAL A 177 -6.95 8.25 -10.52
N ASP A 178 -6.00 7.76 -11.32
CA ASP A 178 -5.95 8.08 -12.74
C ASP A 178 -6.11 9.58 -12.96
N GLY A 179 -5.45 10.37 -12.11
CA GLY A 179 -5.40 11.80 -12.29
C GLY A 179 -6.56 12.56 -11.70
N THR A 180 -7.54 11.88 -11.14
CA THR A 180 -8.72 12.49 -10.57
C THR A 180 -8.66 12.41 -9.04
N THR A 181 -8.91 13.53 -8.39
CA THR A 181 -8.90 13.55 -6.93
C THR A 181 -10.14 12.84 -6.41
N GLU A 182 -9.93 11.77 -5.64
CA GLU A 182 -11.02 10.97 -5.08
C GLU A 182 -11.12 11.12 -3.58
N LEU A 183 -10.07 11.62 -2.94
CA LEU A 183 -10.11 12.06 -1.55
C LEU A 183 -9.33 13.35 -1.50
N ASP A 184 -10.00 14.44 -1.18
CA ASP A 184 -9.49 15.80 -1.29
C ASP A 184 -9.18 16.33 0.11
N GLU A 185 -7.90 16.29 0.49
CA GLU A 185 -7.43 16.93 1.72
C GLU A 185 -8.21 16.45 2.93
N ALA A 186 -8.26 15.14 3.11
CA ALA A 186 -8.79 14.59 4.35
C ALA A 186 -7.89 14.96 5.53
N ASP A 187 -8.53 15.24 6.65
CA ASP A 187 -7.82 15.60 7.87
C ASP A 187 -7.19 14.37 8.52
N ILE A 188 -5.91 14.49 8.91
CA ILE A 188 -5.21 13.46 9.67
C ILE A 188 -4.52 14.08 10.88
N SER A 189 -5.06 15.18 11.39
CA SER A 189 -4.48 15.83 12.55
C SER A 189 -4.49 14.91 13.76
N GLN A 190 -5.31 13.84 13.74
CA GLN A 190 -5.29 12.89 14.85
C GLN A 190 -3.95 12.18 14.96
N PHE A 191 -3.09 12.31 13.95
CA PHE A 191 -1.74 11.78 13.99
C PHE A 191 -0.69 12.88 14.18
N ASP A 192 -1.09 14.08 14.63
CA ASP A 192 -0.10 15.04 15.14
C ASP A 192 0.76 14.35 16.19
N GLY A 193 2.07 14.54 16.11
CA GLY A 193 2.92 13.85 17.08
C GLY A 193 3.24 12.38 16.79
N SER A 194 2.70 11.78 15.74
CA SER A 194 3.17 10.48 15.29
C SER A 194 4.20 10.65 14.16
N THR A 195 4.91 9.57 13.88
CA THR A 195 5.72 9.51 12.68
C THR A 195 5.18 8.39 11.79
N CYS A 196 5.51 8.47 10.51
CA CYS A 196 4.77 7.74 9.50
C CYS A 196 5.73 7.20 8.45
N TYR A 197 5.24 6.25 7.65
CA TYR A 197 5.94 5.69 6.49
C TYR A 197 4.90 5.09 5.56
N PHE A 198 5.32 4.86 4.32
CA PHE A 198 4.46 4.23 3.33
C PHE A 198 4.68 2.72 3.29
N LYS A 199 3.67 2.00 2.85
CA LYS A 199 3.81 0.58 2.52
C LYS A 199 3.08 0.34 1.21
N ALA A 200 3.50 -0.72 0.51
CA ALA A 200 2.86 -1.12 -0.74
C ALA A 200 3.08 -2.61 -0.99
N GLY A 201 2.02 -3.28 -1.43
CA GLY A 201 2.13 -4.66 -1.79
C GLY A 201 0.79 -5.34 -1.73
N ALA A 202 0.74 -6.50 -1.05
CA ALA A 202 -0.47 -7.28 -0.86
C ALA A 202 -0.57 -7.67 0.61
N PHE A 203 -1.63 -7.20 1.28
CA PHE A 203 -1.85 -7.41 2.70
C PHE A 203 -3.28 -7.93 2.81
N ASN A 204 -3.42 -9.18 3.24
CA ASN A 204 -4.64 -9.97 3.05
C ASN A 204 -5.52 -9.86 4.29
N ASN A 205 -6.65 -9.19 4.15
CA ASN A 205 -7.50 -8.86 5.29
C ASN A 205 -8.76 -9.73 5.30
N ASN A 206 -8.99 -10.42 6.42
CA ASN A 206 -10.20 -11.21 6.65
C ASN A 206 -10.65 -12.10 5.48
N PRO A 207 -9.75 -12.93 4.95
CA PRO A 207 -10.20 -13.94 3.99
C PRO A 207 -11.18 -14.92 4.60
N THR A 208 -12.06 -15.46 3.76
CA THR A 208 -12.89 -16.58 4.15
C THR A 208 -12.27 -17.93 3.82
N ASP A 209 -11.26 -17.96 2.93
CA ASP A 209 -10.47 -19.17 2.64
C ASP A 209 -9.03 -18.83 2.98
N THR A 210 -8.54 -19.35 4.11
CA THR A 210 -7.18 -19.00 4.57
C THR A 210 -6.09 -19.59 3.69
N SER A 211 -6.43 -20.46 2.74
CA SER A 211 -5.41 -20.98 1.81
C SER A 211 -5.42 -20.28 0.46
N ALA A 212 -6.41 -19.43 0.17
CA ALA A 212 -6.42 -18.69 -1.09
C ALA A 212 -5.34 -17.63 -1.12
N ASN A 213 -4.82 -17.37 -2.31
CA ASN A 213 -3.74 -16.41 -2.55
C ASN A 213 -4.35 -15.09 -2.99
N ALA A 214 -4.05 -14.04 -2.22
CA ALA A 214 -4.21 -12.66 -2.67
C ALA A 214 -3.03 -12.30 -3.58
N ARG A 215 -3.29 -11.47 -4.59
CA ARG A 215 -2.28 -11.20 -5.61
C ARG A 215 -2.46 -9.81 -6.19
N ILE A 216 -1.37 -9.03 -6.22
CA ILE A 216 -1.38 -7.62 -6.61
C ILE A 216 -0.13 -7.32 -7.44
N LYS A 217 -0.28 -6.53 -8.51
CA LYS A 217 0.78 -6.26 -9.48
C LYS A 217 1.03 -4.78 -9.60
N MET A 218 2.30 -4.39 -9.50
N MET A 218 2.29 -4.37 -9.53
CA MET A 218 2.75 -3.00 -9.62
CA MET A 218 2.66 -2.97 -9.65
C MET A 218 3.62 -2.87 -10.86
C MET A 218 3.63 -2.79 -10.80
N TYR A 219 3.25 -1.95 -11.74
CA TYR A 219 4.04 -1.63 -12.91
C TYR A 219 5.05 -0.51 -12.62
N GLU A 220 4.71 0.40 -11.72
CA GLU A 220 5.60 1.45 -11.22
C GLU A 220 5.31 1.66 -9.74
N LEU A 221 6.35 2.08 -9.00
CA LEU A 221 6.16 2.38 -7.59
C LEU A 221 7.28 3.32 -7.17
N GLU A 222 6.93 4.37 -6.46
CA GLU A 222 7.95 5.23 -5.87
C GLU A 222 7.36 5.96 -4.68
N TRP A 223 8.25 6.35 -3.78
CA TRP A 223 7.89 7.25 -2.70
C TRP A 223 9.01 8.24 -2.52
N VAL A 224 8.63 9.50 -2.40
CA VAL A 224 9.54 10.64 -2.44
C VAL A 224 9.13 11.67 -1.38
N ASP A 225 10.01 12.65 -1.20
CA ASP A 225 9.77 13.83 -0.40
C ASP A 225 9.86 15.07 -1.29
N HIS A 226 9.12 16.11 -0.95
CA HIS A 226 9.27 17.41 -1.58
C HIS A 226 9.34 18.45 -0.48
N HIS A 227 10.46 19.14 -0.40
CA HIS A 227 10.67 20.06 0.70
C HIS A 227 10.04 21.41 0.39
N HIS A 228 9.33 21.95 1.37
CA HIS A 228 8.53 23.17 1.25
C HIS A 228 9.40 24.40 1.01
#